data_8G8V
#
_entry.id   8G8V
#
_cell.length_a   116.499
_cell.length_b   116.499
_cell.length_c   70.806
_cell.angle_alpha   90.000
_cell.angle_beta   90.000
_cell.angle_gamma   120.000
#
_symmetry.space_group_name_H-M   'P 32 2 1'
#
loop_
_entity.id
_entity.type
_entity.pdbx_description
1 polymer 'GTP cyclohydrolase FolE2'
2 non-polymer 'SODIUM ION'
3 non-polymer 'SULFITE ION'
4 non-polymer 'TETRAETHYLENE GLYCOL'
5 non-polymer 1,2-ETHANEDIOL
6 non-polymer 'TRIETHYLENE GLYCOL'
7 water water
#
_entity_poly.entity_id   1
_entity_poly.type   'polypeptide(L)'
_entity_poly.pdbx_seq_one_letter_code
;MGSSHHHHHHSSGLVPRGSHMASMTGGQQMGRGSMNLMNPEFAMPDVQSTVDTRQMPIQRVGVRAVRHPLTVRTAEGETQ
ATVGTWNLDVHLPADQKGTHMSRFVALLEERGGPLTADAFRTMLATMLEKLEARAGRIEVSFPYFVNKTAPVSGVRSLLD
YEVTLTGDVRDGLTRVFAKVLVPVTSL(CSD)P(SNC)SKKISQYGAHNQRSHVTIDAELAADVPVEDLIRIAEEEASCE
LWGLLKRPDEKFVTERAYENPKFVEDLVRDVARRLDADERIVAYVLEAENFESIHNHSAYALIERDKRRGA
;
_entity_poly.pdbx_strand_id   A,B
#
loop_
_chem_comp.id
_chem_comp.type
_chem_comp.name
_chem_comp.formula
EDO non-polymer 1,2-ETHANEDIOL 'C2 H6 O2'
NA non-polymer 'SODIUM ION' 'Na 1'
PG4 non-polymer 'TETRAETHYLENE GLYCOL' 'C8 H18 O5'
PGE non-polymer 'TRIETHYLENE GLYCOL' 'C6 H14 O4'
SO3 non-polymer 'SULFITE ION' 'O3 S -2'
#
# COMPACT_ATOMS: atom_id res chain seq x y z
N GLN A 48 1.15 14.34 -26.17
CA GLN A 48 1.81 14.17 -27.49
C GLN A 48 3.24 14.70 -27.42
N SER A 49 3.42 15.98 -27.07
CA SER A 49 4.72 16.67 -27.24
C SER A 49 5.12 17.44 -25.96
N THR A 50 6.36 17.26 -25.52
CA THR A 50 6.80 17.77 -24.19
C THR A 50 7.79 18.94 -24.36
N VAL A 51 7.89 19.81 -23.36
CA VAL A 51 9.02 20.78 -23.29
C VAL A 51 10.21 20.07 -22.63
N ASP A 52 11.41 20.65 -22.71
CA ASP A 52 12.61 19.97 -22.17
C ASP A 52 12.46 19.79 -20.67
N THR A 53 11.96 20.81 -19.96
CA THR A 53 11.76 20.70 -18.50
C THR A 53 10.82 19.52 -18.19
N ARG A 54 9.85 19.27 -19.07
CA ARG A 54 8.91 18.14 -18.89
C ARG A 54 9.35 16.95 -19.75
N GLN A 55 10.60 16.96 -20.22
CA GLN A 55 11.10 15.84 -21.04
C GLN A 55 11.61 14.74 -20.12
N MET A 56 10.71 14.00 -19.49
CA MET A 56 11.11 12.85 -18.62
C MET A 56 10.01 11.79 -18.70
N PRO A 57 10.37 10.50 -18.73
CA PRO A 57 9.38 9.42 -18.83
C PRO A 57 8.55 9.30 -17.55
N ILE A 58 7.29 8.89 -17.66
CA ILE A 58 6.47 8.62 -16.45
C ILE A 58 6.20 7.11 -16.43
N GLN A 59 6.62 6.44 -15.36
CA GLN A 59 6.49 4.95 -15.31
C GLN A 59 5.02 4.53 -15.32
N ARG A 60 4.14 5.32 -14.67
CA ARG A 60 2.72 4.89 -14.57
C ARG A 60 1.78 6.09 -14.76
N VAL A 61 0.94 6.06 -15.80
CA VAL A 61 -0.07 7.14 -16.00
CA VAL A 61 -0.08 7.15 -16.00
C VAL A 61 -1.40 6.56 -16.54
N GLY A 62 -2.47 6.82 -15.79
CA GLY A 62 -3.79 6.31 -16.22
C GLY A 62 -4.89 6.57 -15.22
N VAL A 63 -5.84 5.64 -15.11
CA VAL A 63 -7.02 5.84 -14.22
C VAL A 63 -6.84 5.02 -12.93
N ARG A 64 -7.40 5.50 -11.82
CA ARG A 64 -7.33 4.78 -10.52
C ARG A 64 -8.71 4.70 -9.88
N ALA A 65 -8.98 3.62 -9.15
CA ALA A 65 -10.25 3.46 -8.41
C ALA A 65 -11.48 3.54 -9.32
N VAL A 66 -11.41 2.95 -10.50
CA VAL A 66 -12.63 2.90 -11.34
C VAL A 66 -13.42 1.66 -10.88
N ARG A 67 -14.67 1.86 -10.49
CA ARG A 67 -15.50 0.74 -9.99
C ARG A 67 -16.26 0.18 -11.18
N HIS A 68 -16.22 -1.14 -11.36
CA HIS A 68 -16.85 -1.74 -12.55
C HIS A 68 -17.21 -3.21 -12.27
N PRO A 69 -18.42 -3.67 -12.66
CA PRO A 69 -18.81 -5.05 -12.43
C PRO A 69 -17.93 -6.00 -13.27
N LEU A 70 -17.76 -7.23 -12.81
CA LEU A 70 -16.98 -8.22 -13.59
C LEU A 70 -17.44 -9.64 -13.26
N THR A 71 -17.36 -10.55 -14.22
CA THR A 71 -17.70 -11.96 -13.96
C THR A 71 -16.41 -12.78 -14.00
N VAL A 72 -16.22 -13.68 -13.03
CA VAL A 72 -15.01 -14.55 -13.00
CA VAL A 72 -15.01 -14.55 -13.00
C VAL A 72 -15.38 -16.06 -13.00
N ARG A 73 -14.76 -16.78 -13.94
CA ARG A 73 -15.00 -18.25 -13.98
C ARG A 73 -14.33 -18.88 -12.76
N THR A 74 -15.11 -19.61 -11.95
CA THR A 74 -14.55 -20.18 -10.70
C THR A 74 -13.91 -21.54 -10.96
N ALA A 75 -13.15 -22.06 -9.99
CA ALA A 75 -12.57 -23.41 -10.10
C ALA A 75 -13.70 -24.41 -10.28
N GLU A 76 -14.85 -24.18 -9.63
CA GLU A 76 -16.03 -25.05 -9.81
C GLU A 76 -16.73 -24.73 -11.14
N GLY A 77 -16.18 -23.83 -11.94
CA GLY A 77 -16.67 -23.58 -13.31
C GLY A 77 -17.91 -22.73 -13.33
N GLU A 78 -18.35 -22.28 -12.16
CA GLU A 78 -19.49 -21.34 -12.10
C GLU A 78 -19.01 -19.97 -12.58
N THR A 79 -19.91 -19.17 -13.15
CA THR A 79 -19.50 -17.79 -13.49
C THR A 79 -19.93 -16.94 -12.30
N GLN A 80 -18.97 -16.36 -11.59
CA GLN A 80 -19.30 -15.60 -10.36
C GLN A 80 -19.28 -14.12 -10.70
N ALA A 81 -20.38 -13.44 -10.41
CA ALA A 81 -20.47 -11.98 -10.67
C ALA A 81 -20.05 -11.22 -9.42
N THR A 82 -19.08 -10.32 -9.56
CA THR A 82 -18.54 -9.53 -8.42
C THR A 82 -18.27 -8.10 -8.89
N VAL A 83 -17.97 -7.21 -7.96
CA VAL A 83 -17.71 -5.79 -8.32
C VAL A 83 -16.22 -5.54 -8.14
N GLY A 84 -15.59 -4.92 -9.14
CA GLY A 84 -14.15 -4.70 -9.07
C GLY A 84 -13.74 -3.24 -9.02
N THR A 85 -12.61 -2.95 -8.38
CA THR A 85 -12.05 -1.59 -8.41
C THR A 85 -10.85 -1.70 -9.34
N TRP A 86 -10.82 -0.92 -10.42
CA TRP A 86 -9.77 -1.11 -11.44
C TRP A 86 -8.73 0.00 -11.45
N ASN A 87 -7.46 -0.37 -11.63
CA ASN A 87 -6.37 0.62 -11.81
C ASN A 87 -5.72 0.28 -13.16
N LEU A 88 -5.77 1.20 -14.11
CA LEU A 88 -5.21 0.95 -15.47
C LEU A 88 -4.25 2.09 -15.80
N ASP A 89 -2.99 1.77 -16.06
CA ASP A 89 -1.97 2.81 -16.34
C ASP A 89 -0.97 2.33 -17.40
N VAL A 90 -0.29 3.27 -18.05
CA VAL A 90 0.73 2.90 -19.09
C VAL A 90 1.99 3.73 -18.88
N HIS A 91 3.14 3.20 -19.31
CA HIS A 91 4.37 4.03 -19.26
C HIS A 91 4.20 5.16 -20.27
N LEU A 92 4.65 6.36 -19.92
CA LEU A 92 4.57 7.48 -20.88
C LEU A 92 5.99 7.87 -21.27
N PRO A 93 6.28 7.93 -22.58
CA PRO A 93 7.60 8.31 -23.07
C PRO A 93 7.88 9.79 -22.76
N ALA A 94 9.14 10.12 -22.54
CA ALA A 94 9.58 11.50 -22.23
C ALA A 94 8.96 12.50 -23.20
N ASP A 95 8.84 12.10 -24.46
CA ASP A 95 8.47 13.04 -25.55
C ASP A 95 6.95 13.15 -25.65
N GLN A 96 6.24 12.22 -25.04
CA GLN A 96 4.76 12.22 -25.08
C GLN A 96 4.26 13.03 -23.88
N LYS A 97 3.40 14.00 -24.16
CA LYS A 97 2.98 14.95 -23.11
C LYS A 97 1.86 14.33 -22.27
N GLY A 98 1.01 13.54 -22.92
CA GLY A 98 -0.06 12.88 -22.14
C GLY A 98 -0.67 11.63 -22.76
N THR A 99 -1.17 10.73 -21.92
CA THR A 99 -1.91 9.50 -22.35
C THR A 99 -3.36 9.86 -22.67
N HIS A 100 -4.12 8.93 -23.28
CA HIS A 100 -5.56 9.21 -23.47
C HIS A 100 -6.35 8.55 -22.32
N MET A 101 -6.88 9.36 -21.40
CA MET A 101 -7.60 8.85 -20.20
C MET A 101 -8.89 8.11 -20.58
N SER A 102 -9.64 8.62 -21.56
CA SER A 102 -10.96 8.05 -21.93
C SER A 102 -10.80 6.60 -22.39
N ARG A 103 -9.72 6.29 -23.10
CA ARG A 103 -9.56 4.94 -23.69
C ARG A 103 -9.53 3.89 -22.58
N PHE A 104 -8.91 4.18 -21.43
CA PHE A 104 -8.83 3.14 -20.39
C PHE A 104 -10.25 2.76 -19.94
N VAL A 105 -11.12 3.74 -19.75
CA VAL A 105 -12.54 3.47 -19.38
C VAL A 105 -13.23 2.72 -20.53
N ALA A 106 -12.93 3.09 -21.77
CA ALA A 106 -13.57 2.47 -22.96
C ALA A 106 -13.25 0.97 -22.99
N LEU A 107 -12.02 0.61 -22.65
CA LEU A 107 -11.61 -0.81 -22.65
C LEU A 107 -12.47 -1.58 -21.64
N LEU A 108 -12.70 -1.01 -20.47
CA LEU A 108 -13.54 -1.69 -19.44
C LEU A 108 -14.94 -1.90 -20.01
N GLU A 109 -15.53 -0.86 -20.60
CA GLU A 109 -16.91 -0.97 -21.16
C GLU A 109 -16.94 -1.98 -22.31
N GLU A 110 -15.94 -1.95 -23.19
CA GLU A 110 -15.86 -2.86 -24.36
C GLU A 110 -15.68 -4.32 -23.94
N ARG A 111 -14.89 -4.58 -22.90
CA ARG A 111 -14.55 -5.98 -22.56
C ARG A 111 -15.80 -6.76 -22.16
N GLY A 112 -15.85 -8.03 -22.59
CA GLY A 112 -17.02 -8.89 -22.31
C GLY A 112 -16.62 -10.29 -21.92
N GLY A 113 -17.51 -11.00 -21.22
CA GLY A 113 -17.27 -12.42 -20.85
C GLY A 113 -16.54 -12.60 -19.54
N PRO A 114 -16.40 -13.84 -19.05
CA PRO A 114 -15.78 -14.10 -17.75
C PRO A 114 -14.29 -13.76 -17.74
N LEU A 115 -13.80 -13.25 -16.62
CA LEU A 115 -12.35 -12.96 -16.51
C LEU A 115 -11.63 -14.27 -16.21
N THR A 116 -10.76 -14.69 -17.11
CA THR A 116 -9.96 -15.93 -16.95
C THR A 116 -8.50 -15.50 -17.08
N ALA A 117 -7.55 -16.38 -16.80
CA ALA A 117 -6.15 -15.94 -16.83
C ALA A 117 -5.81 -15.48 -18.25
N ASP A 118 -6.27 -16.23 -19.25
CA ASP A 118 -6.00 -15.86 -20.66
C ASP A 118 -6.67 -14.53 -21.01
N ALA A 119 -7.91 -14.34 -20.56
CA ALA A 119 -8.65 -13.11 -20.88
C ALA A 119 -7.92 -11.90 -20.27
N PHE A 120 -7.43 -12.06 -19.04
CA PHE A 120 -6.74 -10.94 -18.35
C PHE A 120 -5.49 -10.55 -19.14
N ARG A 121 -4.74 -11.54 -19.62
CA ARG A 121 -3.52 -11.27 -20.44
C ARG A 121 -3.92 -10.59 -21.75
N THR A 122 -5.02 -11.04 -22.35
CA THR A 122 -5.49 -10.44 -23.63
C THR A 122 -5.87 -8.98 -23.41
N MET A 123 -6.49 -8.68 -22.27
CA MET A 123 -6.89 -7.28 -21.95
C MET A 123 -5.64 -6.41 -21.82
N LEU A 124 -4.57 -6.94 -21.21
CA LEU A 124 -3.32 -6.16 -21.03
C LEU A 124 -2.76 -5.80 -22.40
N ALA A 125 -2.80 -6.75 -23.34
CA ALA A 125 -2.31 -6.50 -24.70
C ALA A 125 -3.26 -5.54 -25.40
N THR A 126 -4.56 -5.79 -25.30
CA THR A 126 -5.56 -4.89 -25.92
C THR A 126 -5.33 -3.45 -25.45
N MET A 127 -5.11 -3.26 -24.14
CA MET A 127 -4.94 -1.88 -23.60
C MET A 127 -3.70 -1.24 -24.22
N LEU A 128 -2.61 -1.99 -24.32
CA LEU A 128 -1.37 -1.37 -24.83
C LEU A 128 -1.60 -0.93 -26.28
N GLU A 129 -2.28 -1.78 -27.06
CA GLU A 129 -2.61 -1.40 -28.46
C GLU A 129 -3.58 -0.20 -28.49
N LYS A 130 -4.59 -0.22 -27.62
CA LYS A 130 -5.60 0.86 -27.58
C LYS A 130 -4.94 2.18 -27.17
N LEU A 131 -4.01 2.12 -26.21
CA LEU A 131 -3.37 3.35 -25.67
C LEU A 131 -2.11 3.69 -26.47
N GLU A 132 -1.78 2.86 -27.47
CA GLU A 132 -0.54 3.11 -28.26
C GLU A 132 0.68 3.14 -27.33
N ALA A 133 0.76 2.18 -26.41
CA ALA A 133 1.88 2.14 -25.42
C ALA A 133 2.59 0.79 -25.44
N ARG A 134 3.86 0.76 -25.02
CA ARG A 134 4.67 -0.48 -25.04
C ARG A 134 4.76 -1.11 -23.64
N ALA A 135 4.51 -0.34 -22.59
CA ALA A 135 4.54 -0.88 -21.20
C ALA A 135 3.32 -0.37 -20.43
N GLY A 136 2.67 -1.27 -19.69
CA GLY A 136 1.45 -0.88 -18.94
C GLY A 136 1.15 -1.81 -17.78
N ARG A 137 0.31 -1.36 -16.85
CA ARG A 137 -0.14 -2.27 -15.76
C ARG A 137 -1.66 -2.24 -15.63
N ILE A 138 -2.29 -3.41 -15.46
CA ILE A 138 -3.75 -3.45 -15.16
C ILE A 138 -3.91 -4.14 -13.80
N GLU A 139 -4.60 -3.52 -12.85
CA GLU A 139 -4.87 -4.16 -11.54
C GLU A 139 -6.36 -4.13 -11.24
N VAL A 140 -6.94 -5.27 -10.87
CA VAL A 140 -8.36 -5.30 -10.43
C VAL A 140 -8.46 -5.96 -9.06
N SER A 141 -9.19 -5.36 -8.12
CA SER A 141 -9.43 -6.01 -6.80
C SER A 141 -10.94 -6.27 -6.70
N PHE A 142 -11.34 -7.46 -6.27
CA PHE A 142 -12.78 -7.75 -6.10
C PHE A 142 -13.03 -8.71 -4.94
N PRO A 143 -14.23 -8.66 -4.30
CA PRO A 143 -14.58 -9.67 -3.30
C PRO A 143 -14.78 -11.00 -4.05
N TYR A 144 -14.31 -12.11 -3.47
CA TYR A 144 -14.46 -13.45 -4.09
C TYR A 144 -15.11 -14.39 -3.08
N PHE A 145 -16.09 -15.17 -3.53
CA PHE A 145 -16.82 -16.05 -2.57
C PHE A 145 -16.62 -17.52 -2.91
N VAL A 146 -16.34 -18.33 -1.90
CA VAL A 146 -16.26 -19.80 -2.10
C VAL A 146 -17.32 -20.44 -1.22
N ASN A 147 -18.17 -21.30 -1.78
CA ASN A 147 -19.13 -22.03 -0.92
C ASN A 147 -18.30 -23.00 -0.07
N LYS A 148 -18.61 -23.11 1.20
CA LYS A 148 -17.78 -23.94 2.11
C LYS A 148 -18.69 -24.91 2.85
N THR A 149 -18.14 -26.03 3.30
CA THR A 149 -18.94 -27.05 4.01
C THR A 149 -18.47 -27.09 5.47
N ALA A 150 -19.40 -26.99 6.41
CA ALA A 150 -19.04 -26.94 7.84
C ALA A 150 -18.37 -28.27 8.24
N PRO A 151 -17.35 -28.25 9.12
CA PRO A 151 -16.58 -29.45 9.44
C PRO A 151 -17.33 -30.67 10.00
N VAL A 152 -18.42 -30.44 10.74
CA VAL A 152 -19.14 -31.54 11.37
C VAL A 152 -20.55 -31.69 10.78
N SER A 153 -21.35 -30.63 10.81
CA SER A 153 -22.71 -30.69 10.29
C SER A 153 -22.78 -30.73 8.78
N GLY A 154 -21.75 -30.23 8.11
CA GLY A 154 -21.74 -30.22 6.63
C GLY A 154 -22.64 -29.15 6.04
N VAL A 155 -23.13 -28.23 6.87
CA VAL A 155 -23.99 -27.12 6.38
C VAL A 155 -23.14 -26.25 5.46
N ARG A 156 -23.74 -25.68 4.42
CA ARG A 156 -22.93 -24.93 3.41
C ARG A 156 -23.11 -23.42 3.58
N SER A 157 -21.99 -22.69 3.66
CA SER A 157 -22.05 -21.22 3.75
C SER A 157 -20.97 -20.58 2.88
N LEU A 158 -21.25 -19.41 2.31
CA LEU A 158 -20.23 -18.65 1.54
C LEU A 158 -19.19 -18.02 2.47
N LEU A 159 -17.93 -17.96 2.04
CA LEU A 159 -16.89 -17.21 2.79
C LEU A 159 -16.28 -16.21 1.80
N ASP A 160 -16.06 -14.97 2.22
CA ASP A 160 -15.55 -13.92 1.31
C ASP A 160 -14.05 -13.69 1.45
N TYR A 161 -13.33 -13.62 0.33
CA TYR A 161 -11.92 -13.31 0.29
C TYR A 161 -11.72 -12.07 -0.59
N GLU A 162 -10.62 -11.35 -0.39
CA GLU A 162 -10.32 -10.23 -1.24
C GLU A 162 -9.23 -10.65 -2.23
N VAL A 163 -9.55 -10.58 -3.52
CA VAL A 163 -8.67 -11.03 -4.61
C VAL A 163 -8.20 -9.80 -5.37
N THR A 164 -6.90 -9.71 -5.67
CA THR A 164 -6.32 -8.67 -6.52
C THR A 164 -5.54 -9.37 -7.63
N LEU A 165 -5.91 -9.10 -8.88
CA LEU A 165 -5.19 -9.67 -10.04
C LEU A 165 -4.42 -8.55 -10.72
N THR A 166 -3.10 -8.71 -10.87
CA THR A 166 -2.29 -7.61 -11.45
C THR A 166 -1.45 -8.12 -12.62
N GLY A 167 -1.54 -7.44 -13.77
CA GLY A 167 -0.68 -7.79 -14.92
C GLY A 167 0.19 -6.60 -15.30
N ASP A 168 1.50 -6.80 -15.39
CA ASP A 168 2.43 -5.70 -15.76
C ASP A 168 3.28 -6.10 -16.97
N VAL A 169 3.33 -5.24 -17.99
CA VAL A 169 4.27 -5.51 -19.11
C VAL A 169 5.31 -4.39 -19.04
N ARG A 170 6.57 -4.75 -18.85
CA ARG A 170 7.64 -3.73 -18.85
C ARG A 170 9.00 -4.36 -19.21
N ASP A 171 9.90 -3.59 -19.79
CA ASP A 171 11.28 -4.08 -20.09
C ASP A 171 11.23 -5.40 -20.85
N GLY A 172 10.24 -5.58 -21.73
CA GLY A 172 10.18 -6.78 -22.57
C GLY A 172 9.65 -8.01 -21.85
N LEU A 173 9.11 -7.83 -20.65
CA LEU A 173 8.66 -9.00 -19.86
C LEU A 173 7.21 -8.81 -19.40
N THR A 174 6.39 -9.85 -19.52
CA THR A 174 5.00 -9.76 -19.00
C THR A 174 4.96 -10.52 -17.69
N ARG A 175 4.52 -9.87 -16.62
CA ARG A 175 4.49 -10.50 -15.28
C ARG A 175 3.05 -10.50 -14.76
N VAL A 176 2.57 -11.64 -14.28
CA VAL A 176 1.18 -11.75 -13.77
C VAL A 176 1.24 -12.12 -12.28
N PHE A 177 0.36 -11.53 -11.47
CA PHE A 177 0.39 -11.75 -10.01
C PHE A 177 -1.02 -12.02 -9.50
N ALA A 178 -1.16 -12.98 -8.60
CA ALA A 178 -2.47 -13.19 -7.95
C ALA A 178 -2.27 -12.89 -6.46
N LYS A 179 -3.05 -11.97 -5.93
CA LYS A 179 -2.97 -11.66 -4.48
C LYS A 179 -4.31 -11.97 -3.83
N VAL A 180 -4.30 -12.76 -2.78
CA VAL A 180 -5.55 -13.03 -2.02
CA VAL A 180 -5.55 -13.05 -2.02
C VAL A 180 -5.44 -12.77 -0.51
N LEU A 181 -6.44 -12.07 0.01
CA LEU A 181 -6.47 -11.86 1.47
C LEU A 181 -7.39 -12.95 2.03
N VAL A 182 -6.83 -13.81 2.87
CA VAL A 182 -7.62 -14.95 3.41
C VAL A 182 -7.88 -14.70 4.90
N PRO A 183 -9.16 -14.63 5.33
CA PRO A 183 -9.47 -14.49 6.75
C PRO A 183 -9.35 -15.88 7.41
N VAL A 184 -8.63 -15.96 8.53
CA VAL A 184 -8.45 -17.26 9.24
C VAL A 184 -8.50 -17.01 10.75
N THR A 185 -8.37 -18.08 11.54
CA THR A 185 -8.37 -17.94 13.03
C THR A 185 -6.98 -18.28 13.57
N SER A 186 -6.48 -17.49 14.52
CA SER A 186 -5.16 -17.77 15.16
CA SER A 186 -5.17 -17.78 15.15
C SER A 186 -5.26 -17.90 16.69
N LEU A 187 -4.60 -18.92 17.22
CA LEU A 187 -4.61 -19.12 18.70
C LEU A 187 -3.19 -18.99 19.24
N CSD A 188 -3.01 -18.26 20.34
CA CSD A 188 -1.65 -18.00 20.89
CB CSD A 188 -1.66 -16.77 21.80
SG CSD A 188 0.00 -16.09 21.94
C CSD A 188 -1.11 -19.22 21.63
O CSD A 188 -1.75 -19.63 22.62
OD1 CSD A 188 0.85 -17.16 22.48
OD2 CSD A 188 0.54 -15.76 20.47
N PRO A 189 0.04 -19.80 21.23
CA PRO A 189 0.65 -20.93 21.94
C PRO A 189 1.13 -20.58 23.36
N SNC A 190 1.57 -19.34 23.59
CA SNC A 190 2.03 -18.90 24.93
CB SNC A 190 2.78 -17.58 24.83
SG SNC A 190 3.30 -16.83 26.40
ND SNC A 190 4.42 -17.75 27.06
OE SNC A 190 4.81 -18.79 26.48
C SNC A 190 0.84 -18.81 25.89
O SNC A 190 0.95 -19.38 26.96
N SER A 191 -0.24 -18.12 25.48
CA SER A 191 -1.47 -18.04 26.31
C SER A 191 -1.89 -19.45 26.75
N LYS A 192 -1.92 -20.40 25.82
CA LYS A 192 -2.39 -21.76 26.18
C LYS A 192 -1.44 -22.43 27.17
N LYS A 193 -0.13 -22.32 26.93
CA LYS A 193 0.88 -22.99 27.79
C LYS A 193 0.91 -22.42 29.22
N ILE A 194 0.81 -21.12 29.37
CA ILE A 194 0.99 -20.48 30.71
C ILE A 194 -0.32 -20.34 31.47
N SER A 195 -1.45 -20.68 30.85
CA SER A 195 -2.75 -20.42 31.52
C SER A 195 -3.39 -21.70 32.05
N GLN A 196 -4.09 -21.60 33.18
CA GLN A 196 -4.78 -22.78 33.75
C GLN A 196 -5.90 -23.17 32.79
N TYR A 197 -6.55 -22.18 32.19
CA TYR A 197 -7.60 -22.46 31.20
C TYR A 197 -7.61 -21.38 30.11
N GLY A 198 -8.12 -21.73 28.93
CA GLY A 198 -8.27 -20.73 27.85
C GLY A 198 -7.00 -20.47 27.06
N ALA A 199 -7.16 -19.82 25.91
CA ALA A 199 -5.99 -19.45 25.08
C ALA A 199 -6.42 -18.30 24.18
N HIS A 200 -5.79 -17.13 24.31
CA HIS A 200 -6.26 -15.95 23.54
C HIS A 200 -6.22 -16.29 22.04
N ASN A 201 -7.34 -16.08 21.35
CA ASN A 201 -7.42 -16.37 19.89
C ASN A 201 -8.04 -15.16 19.20
N GLN A 202 -7.87 -15.05 17.88
CA GLN A 202 -8.37 -13.85 17.17
C GLN A 202 -8.42 -14.08 15.66
N ARG A 203 -9.19 -13.27 14.95
CA ARG A 203 -9.22 -13.33 13.47
C ARG A 203 -7.85 -12.90 12.95
N SER A 204 -7.41 -13.55 11.88
CA SER A 204 -6.11 -13.18 11.26
C SER A 204 -6.31 -13.03 9.76
N HIS A 205 -5.55 -12.17 9.13
CA HIS A 205 -5.62 -12.06 7.66
C HIS A 205 -4.30 -12.60 7.09
N VAL A 206 -4.37 -13.57 6.19
CA VAL A 206 -3.12 -14.03 5.54
C VAL A 206 -3.18 -13.50 4.11
N THR A 207 -2.23 -12.68 3.74
CA THR A 207 -2.21 -12.09 2.39
C THR A 207 -1.10 -12.76 1.59
N ILE A 208 -1.47 -13.52 0.56
CA ILE A 208 -0.44 -14.13 -0.32
C ILE A 208 -0.42 -13.32 -1.62
N ASP A 209 0.72 -12.71 -1.93
CA ASP A 209 0.86 -11.91 -3.17
C ASP A 209 1.87 -12.68 -4.03
N ALA A 210 1.37 -13.46 -4.98
CA ALA A 210 2.28 -14.36 -5.71
C ALA A 210 2.50 -14.02 -7.18
N GLU A 211 3.76 -13.93 -7.60
CA GLU A 211 4.06 -13.77 -9.05
C GLU A 211 3.96 -15.18 -9.62
N LEU A 212 3.30 -15.35 -10.75
CA LEU A 212 3.02 -16.74 -11.19
C LEU A 212 3.89 -17.21 -12.35
N ALA A 213 4.66 -18.28 -12.14
CA ALA A 213 5.38 -18.94 -13.25
C ALA A 213 4.32 -19.55 -14.16
N ALA A 214 3.28 -20.12 -13.55
CA ALA A 214 2.19 -20.76 -14.30
C ALA A 214 0.86 -20.38 -13.66
N ASP A 215 -0.22 -20.46 -14.42
CA ASP A 215 -1.56 -20.08 -13.91
C ASP A 215 -1.89 -20.84 -12.62
N VAL A 216 -2.40 -20.13 -11.61
CA VAL A 216 -2.86 -20.78 -10.36
C VAL A 216 -4.28 -20.30 -10.07
N PRO A 217 -5.26 -21.19 -9.79
CA PRO A 217 -6.59 -20.74 -9.38
C PRO A 217 -6.46 -20.09 -7.99
N VAL A 218 -7.22 -19.01 -7.75
CA VAL A 218 -7.18 -18.33 -6.42
C VAL A 218 -7.52 -19.35 -5.33
N GLU A 219 -8.40 -20.30 -5.62
CA GLU A 219 -8.81 -21.30 -4.60
C GLU A 219 -7.57 -22.05 -4.05
N ASP A 220 -6.58 -22.33 -4.89
CA ASP A 220 -5.35 -23.05 -4.46
C ASP A 220 -4.56 -22.24 -3.43
N LEU A 221 -4.46 -20.94 -3.64
CA LEU A 221 -3.77 -20.06 -2.67
C LEU A 221 -4.57 -20.01 -1.37
N ILE A 222 -5.89 -19.87 -1.49
CA ILE A 222 -6.75 -19.77 -0.29
C ILE A 222 -6.62 -21.06 0.52
N ARG A 223 -6.59 -22.21 -0.15
CA ARG A 223 -6.54 -23.50 0.57
C ARG A 223 -5.24 -23.59 1.36
N ILE A 224 -4.13 -23.11 0.80
CA ILE A 224 -2.85 -23.24 1.52
C ILE A 224 -2.93 -22.44 2.83
N ALA A 225 -3.47 -21.23 2.77
CA ALA A 225 -3.59 -20.40 3.99
C ALA A 225 -4.53 -21.05 5.01
N GLU A 226 -5.67 -21.56 4.53
CA GLU A 226 -6.68 -22.14 5.45
C GLU A 226 -6.10 -23.38 6.16
N GLU A 227 -5.40 -24.24 5.41
CA GLU A 227 -4.81 -25.46 6.00
C GLU A 227 -3.74 -25.13 7.04
N GLU A 228 -2.93 -24.08 6.81
CA GLU A 228 -1.81 -23.77 7.73
C GLU A 228 -2.29 -22.96 8.95
N ALA A 229 -3.53 -22.49 8.94
CA ALA A 229 -4.06 -21.68 10.05
C ALA A 229 -4.42 -22.58 11.25
N SER A 230 -4.41 -22.01 12.46
CA SER A 230 -4.86 -22.77 13.66
C SER A 230 -6.22 -23.38 13.32
N CYS A 231 -7.09 -22.59 12.71
CA CYS A 231 -8.39 -23.10 12.21
C CYS A 231 -8.89 -22.13 11.15
N GLU A 232 -9.58 -22.64 10.14
CA GLU A 232 -10.13 -21.77 9.08
C GLU A 232 -11.45 -21.17 9.55
N LEU A 233 -12.07 -20.36 8.71
CA LEU A 233 -13.31 -19.64 9.07
C LEU A 233 -14.49 -20.16 8.25
N TRP A 234 -15.65 -20.29 8.87
CA TRP A 234 -16.89 -20.63 8.11
C TRP A 234 -17.95 -19.58 8.44
N GLY A 235 -18.71 -19.15 7.44
CA GLY A 235 -19.81 -18.21 7.68
C GLY A 235 -20.86 -18.80 8.60
N LEU A 236 -21.25 -20.05 8.34
CA LEU A 236 -22.34 -20.66 9.14
C LEU A 236 -21.82 -21.88 9.90
N LEU A 237 -21.85 -21.81 11.23
CA LEU A 237 -21.42 -22.97 12.04
C LEU A 237 -22.55 -23.43 12.96
N LYS A 238 -22.87 -24.73 12.93
CA LYS A 238 -23.83 -25.32 13.89
C LYS A 238 -23.08 -25.53 15.21
N ARG A 239 -23.78 -25.84 16.30
CA ARG A 239 -23.12 -25.94 17.62
C ARG A 239 -22.06 -27.05 17.59
N PRO A 240 -22.26 -28.21 16.92
CA PRO A 240 -21.19 -29.22 16.82
C PRO A 240 -20.00 -28.60 16.07
N ASP A 241 -20.26 -27.81 15.04
CA ASP A 241 -19.17 -27.11 14.31
C ASP A 241 -18.44 -26.14 15.24
N GLU A 242 -19.18 -25.39 16.06
CA GLU A 242 -18.55 -24.46 17.00
C GLU A 242 -17.62 -25.21 17.95
N LYS A 243 -18.08 -26.35 18.46
CA LYS A 243 -17.24 -27.20 19.30
C LYS A 243 -16.00 -27.63 18.55
N PHE A 244 -16.17 -28.06 17.30
CA PHE A 244 -15.05 -28.52 16.49
C PHE A 244 -14.00 -27.43 16.31
N VAL A 245 -14.41 -26.23 15.89
CA VAL A 245 -13.40 -25.22 15.57
C VAL A 245 -12.75 -24.67 16.83
N THR A 246 -13.49 -24.64 17.95
CA THR A 246 -12.90 -24.24 19.22
C THR A 246 -11.78 -25.20 19.59
N GLU A 247 -12.05 -26.49 19.44
CA GLU A 247 -11.05 -27.51 19.86
C GLU A 247 -9.86 -27.55 18.90
N ARG A 248 -10.10 -27.54 17.59
CA ARG A 248 -8.97 -27.69 16.62
C ARG A 248 -8.00 -26.51 16.77
N ALA A 249 -8.54 -25.30 16.94
CA ALA A 249 -7.68 -24.12 17.14
C ALA A 249 -6.83 -24.34 18.38
N TYR A 250 -7.46 -24.83 19.45
CA TYR A 250 -6.74 -25.04 20.69
C TYR A 250 -5.64 -26.10 20.53
N GLU A 251 -5.94 -27.13 19.75
CA GLU A 251 -4.97 -28.23 19.52
C GLU A 251 -3.87 -27.77 18.55
N ASN A 252 -4.08 -26.66 17.85
CA ASN A 252 -3.11 -26.26 16.79
C ASN A 252 -2.67 -24.80 16.99
N PRO A 253 -2.13 -24.40 18.15
CA PRO A 253 -1.78 -23.01 18.36
C PRO A 253 -0.63 -22.58 17.43
N LYS A 254 -0.73 -21.41 16.82
CA LYS A 254 0.39 -20.91 15.99
C LYS A 254 0.72 -19.44 16.27
N PHE A 255 1.99 -19.11 16.42
CA PHE A 255 2.43 -17.69 16.49
C PHE A 255 2.35 -17.15 15.06
N VAL A 256 2.35 -15.84 14.90
CA VAL A 256 2.30 -15.24 13.55
C VAL A 256 3.54 -15.72 12.78
N GLU A 257 4.69 -15.81 13.46
CA GLU A 257 5.92 -16.32 12.82
C GLU A 257 5.71 -17.78 12.37
N ASP A 258 5.07 -18.60 13.20
CA ASP A 258 4.79 -19.99 12.80
C ASP A 258 3.86 -20.03 11.58
N LEU A 259 2.83 -19.18 11.58
CA LEU A 259 1.85 -19.17 10.46
C LEU A 259 2.57 -18.82 9.15
N VAL A 260 3.30 -17.70 9.13
CA VAL A 260 3.94 -17.26 7.86
C VAL A 260 4.94 -18.33 7.39
N ARG A 261 5.71 -18.89 8.32
CA ARG A 261 6.74 -19.88 7.94
C ARG A 261 6.08 -21.12 7.32
N ASP A 262 4.97 -21.57 7.91
CA ASP A 262 4.24 -22.75 7.36
C ASP A 262 3.68 -22.45 5.96
N VAL A 263 3.08 -21.29 5.76
CA VAL A 263 2.56 -20.89 4.42
C VAL A 263 3.72 -20.75 3.44
N ALA A 264 4.84 -20.17 3.88
CA ALA A 264 5.99 -19.93 2.99
C ALA A 264 6.51 -21.27 2.48
N ARG A 265 6.55 -22.27 3.36
CA ARG A 265 7.09 -23.59 2.96
C ARG A 265 6.21 -24.17 1.85
N ARG A 266 4.89 -24.03 1.97
CA ARG A 266 3.98 -24.50 0.88
C ARG A 266 4.24 -23.71 -0.41
N LEU A 267 4.41 -22.40 -0.32
CA LEU A 267 4.68 -21.54 -1.50
C LEU A 267 6.03 -21.92 -2.13
N ASP A 268 7.02 -22.19 -1.30
CA ASP A 268 8.38 -22.54 -1.80
C ASP A 268 8.28 -23.83 -2.60
N ALA A 269 7.48 -24.78 -2.12
CA ALA A 269 7.34 -26.09 -2.80
C ALA A 269 6.49 -25.96 -4.08
N ASP A 270 5.87 -24.81 -4.32
CA ASP A 270 4.95 -24.72 -5.49
C ASP A 270 5.72 -24.25 -6.73
N GLU A 271 5.79 -25.10 -7.76
CA GLU A 271 6.49 -24.79 -9.03
C GLU A 271 5.82 -23.60 -9.72
N ARG A 272 4.49 -23.49 -9.60
CA ARG A 272 3.71 -22.41 -10.24
C ARG A 272 4.15 -21.03 -9.74
N ILE A 273 4.52 -20.87 -8.46
CA ILE A 273 4.85 -19.50 -7.97
C ILE A 273 6.36 -19.21 -8.07
N VAL A 274 6.77 -18.30 -8.97
CA VAL A 274 8.19 -17.84 -9.08
C VAL A 274 8.62 -17.04 -7.84
N ALA A 275 7.76 -16.16 -7.35
CA ALA A 275 8.13 -15.25 -6.24
C ALA A 275 6.88 -14.81 -5.49
N TYR A 276 7.04 -14.31 -4.28
CA TYR A 276 5.85 -13.90 -3.48
C TYR A 276 6.20 -12.99 -2.30
N VAL A 277 5.21 -12.20 -1.88
CA VAL A 277 5.36 -11.39 -0.65
C VAL A 277 4.24 -11.93 0.25
N LEU A 278 4.59 -12.56 1.37
CA LEU A 278 3.57 -13.21 2.25
C LEU A 278 3.43 -12.40 3.54
N GLU A 279 2.20 -12.04 3.89
CA GLU A 279 1.95 -11.27 5.13
C GLU A 279 0.91 -11.98 5.99
N ALA A 280 1.13 -12.00 7.30
CA ALA A 280 0.10 -12.53 8.22
C ALA A 280 -0.11 -11.48 9.31
N GLU A 281 -1.34 -11.05 9.52
CA GLU A 281 -1.63 -10.07 10.60
C GLU A 281 -2.59 -10.71 11.59
N ASN A 282 -2.24 -10.68 12.87
CA ASN A 282 -3.12 -11.24 13.92
C ASN A 282 -3.76 -10.06 14.65
N PHE A 283 -5.09 -9.95 14.57
CA PHE A 283 -5.77 -8.82 15.21
C PHE A 283 -6.00 -9.21 16.67
N GLU A 284 -4.91 -9.07 17.43
CA GLU A 284 -4.89 -9.50 18.86
C GLU A 284 -6.15 -9.15 19.64
N SER A 285 -6.80 -10.16 20.20
CA SER A 285 -7.99 -9.96 21.09
C SER A 285 -7.57 -9.19 22.33
N ILE A 286 -6.38 -9.46 22.87
CA ILE A 286 -5.91 -8.86 24.16
C ILE A 286 -5.27 -7.48 23.95
N HIS A 287 -5.17 -6.99 22.71
CA HIS A 287 -4.48 -5.70 22.47
C HIS A 287 -5.30 -4.83 21.51
N ASN A 288 -4.99 -3.55 21.42
CA ASN A 288 -5.67 -2.62 20.48
C ASN A 288 -4.80 -2.48 19.23
N HIS A 289 -3.79 -3.33 19.10
CA HIS A 289 -2.91 -3.32 17.91
C HIS A 289 -2.77 -4.73 17.36
N SER A 290 -2.05 -4.86 16.25
CA SER A 290 -1.90 -6.20 15.61
C SER A 290 -0.47 -6.77 15.64
N ALA A 291 -0.33 -8.09 15.75
CA ALA A 291 0.96 -8.75 15.54
C ALA A 291 1.08 -9.05 14.05
N TYR A 292 2.29 -8.91 13.51
CA TYR A 292 2.47 -8.84 12.07
C TYR A 292 3.76 -9.52 11.63
N ALA A 293 3.71 -10.27 10.53
CA ALA A 293 4.94 -10.86 10.00
C ALA A 293 4.90 -10.89 8.47
N LEU A 294 6.04 -10.64 7.84
CA LEU A 294 6.16 -10.59 6.39
C LEU A 294 7.38 -11.40 5.95
N ILE A 295 7.15 -12.32 5.01
CA ILE A 295 8.26 -13.09 4.39
C ILE A 295 8.23 -12.75 2.90
N GLU A 296 9.37 -12.33 2.35
CA GLU A 296 9.46 -12.04 0.90
C GLU A 296 10.46 -13.01 0.29
N ARG A 297 10.13 -13.61 -0.86
CA ARG A 297 11.02 -14.63 -1.46
C ARG A 297 10.99 -14.57 -2.98
N ASP A 298 12.15 -14.56 -3.62
CA ASP A 298 12.23 -14.62 -5.10
C ASP A 298 13.08 -15.82 -5.46
N LYS A 299 12.48 -16.81 -6.09
CA LYS A 299 13.16 -18.07 -6.45
C LYS A 299 14.31 -17.78 -7.43
N ARG A 300 14.14 -16.82 -8.33
CA ARG A 300 15.20 -16.43 -9.29
C ARG A 300 16.46 -15.91 -8.56
N ARG A 301 16.31 -15.29 -7.40
CA ARG A 301 17.48 -14.87 -6.58
C ARG A 301 18.39 -16.07 -6.27
N GLN B 48 12.56 -21.32 21.71
CA GLN B 48 13.41 -20.20 21.20
C GLN B 48 14.07 -20.64 19.88
N SER B 49 13.99 -21.93 19.55
CA SER B 49 14.67 -22.47 18.35
C SER B 49 13.65 -23.16 17.45
N THR B 50 13.91 -23.12 16.14
CA THR B 50 12.92 -23.50 15.11
C THR B 50 13.07 -24.99 14.77
N VAL B 51 11.94 -25.65 14.53
CA VAL B 51 11.91 -26.96 13.81
C VAL B 51 12.38 -26.72 12.37
N ASP B 52 12.87 -27.78 11.73
CA ASP B 52 13.60 -27.67 10.44
C ASP B 52 12.64 -27.19 9.35
N THR B 53 11.39 -27.61 9.46
CA THR B 53 10.33 -27.19 8.49
C THR B 53 10.03 -25.70 8.68
N ARG B 54 10.38 -25.16 9.85
CA ARG B 54 10.16 -23.71 10.16
C ARG B 54 11.52 -23.02 10.27
N GLN B 55 12.56 -23.66 9.77
CA GLN B 55 13.93 -23.08 9.85
C GLN B 55 14.09 -22.13 8.66
N MET B 56 13.43 -20.98 8.75
CA MET B 56 13.56 -19.98 7.66
C MET B 56 13.48 -18.57 8.25
N PRO B 57 14.28 -17.62 7.77
CA PRO B 57 14.30 -16.27 8.30
C PRO B 57 13.02 -15.50 7.94
N ILE B 58 12.58 -14.61 8.84
CA ILE B 58 11.40 -13.76 8.52
C ILE B 58 11.94 -12.33 8.40
N GLN B 59 11.71 -11.68 7.27
CA GLN B 59 12.28 -10.33 7.02
C GLN B 59 11.72 -9.32 8.04
N ARG B 60 10.43 -9.44 8.34
CA ARG B 60 9.80 -8.46 9.26
C ARG B 60 8.85 -9.17 10.21
N VAL B 61 8.99 -8.90 11.50
CA VAL B 61 8.10 -9.50 12.55
C VAL B 61 7.97 -8.45 13.65
N GLY B 62 6.74 -8.08 14.01
CA GLY B 62 6.59 -6.98 14.96
C GLY B 62 5.15 -6.53 15.14
N VAL B 63 4.97 -5.34 15.70
CA VAL B 63 3.60 -4.81 15.99
C VAL B 63 3.16 -3.90 14.84
N ARG B 64 1.85 -3.86 14.57
CA ARG B 64 1.31 -2.99 13.49
C ARG B 64 0.16 -2.14 14.05
N ALA B 65 0.08 -0.88 13.59
CA ALA B 65 -1.04 0.01 13.97
C ALA B 65 -1.09 0.22 15.48
N VAL B 66 0.00 0.69 16.06
CA VAL B 66 -0.03 1.03 17.50
C VAL B 66 -0.17 2.54 17.55
N ARG B 67 -1.17 3.05 18.27
CA ARG B 67 -1.40 4.51 18.25
C ARG B 67 -0.76 5.11 19.50
N HIS B 68 0.18 6.04 19.30
CA HIS B 68 0.88 6.67 20.43
C HIS B 68 1.03 8.16 20.15
N PRO B 69 0.94 9.03 21.18
CA PRO B 69 1.15 10.46 21.00
C PRO B 69 2.63 10.75 20.71
N LEU B 70 2.92 11.77 19.91
CA LEU B 70 4.33 12.16 19.68
C LEU B 70 4.46 13.67 19.49
N THR B 71 5.64 14.20 19.78
CA THR B 71 5.91 15.66 19.60
C THR B 71 6.99 15.77 18.53
N VAL B 72 6.82 16.69 17.58
CA VAL B 72 7.78 16.81 16.46
C VAL B 72 8.33 18.24 16.46
N ARG B 73 9.40 18.47 15.70
CA ARG B 73 10.01 19.81 15.64
C ARG B 73 9.78 20.43 14.26
N THR B 74 9.28 21.66 14.25
CA THR B 74 9.03 22.41 12.99
C THR B 74 10.34 22.92 12.40
N ALA B 75 10.26 23.49 11.21
CA ALA B 75 11.43 24.09 10.53
C ALA B 75 11.79 25.39 11.23
N GLU B 76 10.81 25.97 11.92
CA GLU B 76 11.06 27.12 12.83
C GLU B 76 11.45 26.62 14.23
N GLY B 77 11.74 25.33 14.36
CA GLY B 77 12.33 24.80 15.60
C GLY B 77 11.31 24.66 16.70
N GLU B 78 10.04 24.96 16.39
CA GLU B 78 8.98 24.91 17.44
C GLU B 78 8.47 23.47 17.54
N THR B 79 7.88 23.12 18.68
CA THR B 79 7.44 21.71 18.80
C THR B 79 5.94 21.61 18.52
N GLN B 80 5.54 20.62 17.71
CA GLN B 80 4.10 20.39 17.42
C GLN B 80 3.67 19.04 18.02
N ALA B 81 2.57 19.06 18.77
CA ALA B 81 2.03 17.83 19.37
C ALA B 81 1.10 17.14 18.37
N THR B 82 1.34 15.87 18.08
CA THR B 82 0.53 15.11 17.08
C THR B 82 0.34 13.66 17.55
N VAL B 83 -0.56 12.93 16.92
CA VAL B 83 -0.80 11.50 17.30
C VAL B 83 -0.29 10.63 16.15
N GLY B 84 0.41 9.55 16.48
CA GLY B 84 1.00 8.73 15.42
C GLY B 84 0.49 7.30 15.40
N THR B 85 0.49 6.69 14.23
CA THR B 85 0.17 5.24 14.13
C THR B 85 1.53 4.59 13.87
N TRP B 86 1.98 3.71 14.77
CA TRP B 86 3.36 3.18 14.66
C TRP B 86 3.43 1.73 14.17
N ASN B 87 4.41 1.42 13.34
CA ASN B 87 4.66 0.02 12.93
C ASN B 87 6.13 -0.26 13.26
N LEU B 88 6.39 -1.25 14.12
CA LEU B 88 7.77 -1.57 14.53
C LEU B 88 8.02 -3.07 14.35
N ASP B 89 9.03 -3.43 13.57
CA ASP B 89 9.32 -4.85 13.29
C ASP B 89 10.83 -5.09 13.19
N VAL B 90 11.26 -6.34 13.38
CA VAL B 90 12.70 -6.69 13.25
C VAL B 90 12.84 -7.92 12.35
N HIS B 91 14.03 -8.15 11.81
CA HIS B 91 14.30 -9.41 11.08
C HIS B 91 14.44 -10.54 12.11
N LEU B 92 13.92 -11.73 11.81
CA LEU B 92 14.02 -12.90 12.73
C LEU B 92 14.87 -13.98 12.06
N PRO B 93 16.03 -14.32 12.63
CA PRO B 93 16.89 -15.35 12.03
C PRO B 93 16.18 -16.69 11.94
N ALA B 94 16.52 -17.46 10.90
CA ALA B 94 15.85 -18.76 10.66
C ALA B 94 15.71 -19.55 11.97
N ASP B 95 16.79 -19.63 12.75
CA ASP B 95 16.75 -20.42 14.01
CA ASP B 95 16.78 -20.40 14.03
C ASP B 95 15.82 -19.94 15.14
N GLN B 96 15.74 -18.62 15.26
CA GLN B 96 14.88 -18.06 16.34
C GLN B 96 13.41 -18.35 16.08
N LYS B 97 12.71 -18.87 17.10
CA LYS B 97 11.29 -19.21 16.99
C LYS B 97 10.41 -17.95 16.94
N GLY B 98 10.77 -16.93 17.73
CA GLY B 98 9.93 -15.74 17.80
C GLY B 98 10.55 -14.50 18.41
N THR B 99 10.06 -13.32 18.06
CA THR B 99 10.61 -12.06 18.63
C THR B 99 9.94 -11.80 19.98
N HIS B 100 10.21 -10.65 20.59
CA HIS B 100 9.47 -10.31 21.82
C HIS B 100 8.54 -9.17 21.41
N MET B 101 7.23 -9.37 21.49
CA MET B 101 6.30 -8.35 20.97
C MET B 101 6.14 -7.26 22.02
N SER B 102 6.24 -7.64 23.29
CA SER B 102 6.05 -6.66 24.38
C SER B 102 7.10 -5.54 24.27
N ARG B 103 8.32 -5.87 23.87
CA ARG B 103 9.43 -4.89 23.86
C ARG B 103 9.11 -3.73 22.91
N PHE B 104 8.48 -4.00 21.78
CA PHE B 104 8.25 -2.88 20.83
C PHE B 104 7.35 -1.82 21.49
N VAL B 105 6.30 -2.24 22.19
CA VAL B 105 5.43 -1.30 22.95
C VAL B 105 6.24 -0.62 24.06
N ALA B 106 7.10 -1.39 24.71
CA ALA B 106 7.91 -0.85 25.83
C ALA B 106 8.80 0.27 25.30
N LEU B 107 9.34 0.08 24.10
CA LEU B 107 10.22 1.11 23.51
C LEU B 107 9.41 2.39 23.31
N LEU B 108 8.17 2.28 22.83
CA LEU B 108 7.34 3.49 22.60
C LEU B 108 7.06 4.22 23.91
N GLU B 109 6.73 3.47 24.97
CA GLU B 109 6.45 4.08 26.29
C GLU B 109 7.70 4.76 26.86
N GLU B 110 8.86 4.11 26.71
CA GLU B 110 10.15 4.63 27.23
C GLU B 110 10.56 5.92 26.53
N ARG B 111 10.34 6.03 25.23
CA ARG B 111 10.84 7.21 24.45
C ARG B 111 10.30 8.53 25.01
N GLY B 112 11.15 9.55 25.05
CA GLY B 112 10.74 10.89 25.51
C GLY B 112 11.33 11.99 24.66
N GLY B 113 10.69 13.17 24.60
CA GLY B 113 11.28 14.32 23.89
C GLY B 113 10.75 14.46 22.47
N PRO B 114 11.07 15.54 21.74
CA PRO B 114 10.65 15.68 20.35
C PRO B 114 11.25 14.59 19.46
N LEU B 115 10.51 14.18 18.43
CA LEU B 115 11.03 13.17 17.50
C LEU B 115 11.87 13.89 16.45
N THR B 116 13.05 14.34 16.86
CA THR B 116 14.00 14.95 15.92
C THR B 116 14.57 13.85 15.03
N ALA B 117 15.04 14.21 13.84
CA ALA B 117 15.70 13.20 12.98
C ALA B 117 16.79 12.46 13.77
N ASP B 118 17.34 13.08 14.81
CA ASP B 118 18.45 12.41 15.54
C ASP B 118 17.85 11.37 16.49
N ALA B 119 16.74 11.71 17.13
CA ALA B 119 16.06 10.76 18.03
C ALA B 119 15.58 9.54 17.24
N PHE B 120 15.07 9.76 16.04
CA PHE B 120 14.50 8.62 15.26
C PHE B 120 15.60 7.61 14.95
N ARG B 121 16.79 8.10 14.58
CA ARG B 121 17.93 7.18 14.33
C ARG B 121 18.31 6.46 15.64
N THR B 122 18.29 7.19 16.75
CA THR B 122 18.62 6.60 18.05
C THR B 122 17.60 5.52 18.38
N MET B 123 16.32 5.77 18.09
CA MET B 123 15.24 4.81 18.43
C MET B 123 15.44 3.51 17.66
N LEU B 124 15.86 3.60 16.40
CA LEU B 124 16.04 2.40 15.56
C LEU B 124 17.14 1.55 16.20
N ALA B 125 18.20 2.19 16.68
CA ALA B 125 19.33 1.46 17.30
C ALA B 125 18.89 0.91 18.65
N THR B 126 18.11 1.69 19.39
CA THR B 126 17.61 1.22 20.70
C THR B 126 16.74 -0.01 20.50
N MET B 127 15.90 -0.01 19.46
CA MET B 127 15.00 -1.16 19.21
C MET B 127 15.83 -2.40 18.91
N LEU B 128 16.89 -2.26 18.13
CA LEU B 128 17.68 -3.44 17.73
C LEU B 128 18.35 -4.01 18.97
N GLU B 129 18.75 -3.13 19.89
CA GLU B 129 19.33 -3.61 21.14
C GLU B 129 18.27 -4.16 22.07
N LYS B 130 17.17 -3.44 22.27
CA LYS B 130 16.08 -3.97 23.15
C LYS B 130 15.58 -5.33 22.63
N LEU B 131 15.44 -5.50 21.31
CA LEU B 131 14.87 -6.75 20.73
C LEU B 131 15.96 -7.76 20.42
N GLU B 132 17.22 -7.42 20.71
CA GLU B 132 18.35 -8.34 20.45
C GLU B 132 18.36 -8.74 18.96
N ALA B 133 18.17 -7.76 18.07
CA ALA B 133 18.14 -8.04 16.62
C ALA B 133 19.24 -7.30 15.86
N ARG B 134 19.44 -7.66 14.59
CA ARG B 134 20.44 -7.04 13.74
C ARG B 134 19.85 -6.17 12.64
N ALA B 135 18.54 -6.30 12.40
CA ALA B 135 17.87 -5.56 11.31
C ALA B 135 16.42 -5.29 11.69
N GLY B 136 15.96 -4.05 11.52
CA GLY B 136 14.59 -3.68 11.89
C GLY B 136 14.05 -2.48 11.15
N ARG B 137 12.73 -2.29 11.14
CA ARG B 137 12.11 -1.09 10.53
C ARG B 137 11.18 -0.38 11.51
N ILE B 138 11.26 0.94 11.62
CA ILE B 138 10.27 1.70 12.43
C ILE B 138 9.56 2.67 11.48
N GLU B 139 8.22 2.64 11.46
CA GLU B 139 7.44 3.56 10.60
C GLU B 139 6.39 4.26 11.46
N VAL B 140 6.24 5.58 11.30
CA VAL B 140 5.18 6.30 12.06
C VAL B 140 4.49 7.33 11.15
N SER B 141 3.17 7.28 11.07
CA SER B 141 2.43 8.31 10.35
C SER B 141 1.67 9.18 11.34
N PHE B 142 1.53 10.46 11.00
CA PHE B 142 0.85 11.42 11.83
C PHE B 142 0.39 12.57 10.96
N PRO B 143 -0.66 13.32 11.38
CA PRO B 143 -1.04 14.54 10.68
C PRO B 143 -0.06 15.65 11.08
N TYR B 144 0.35 16.48 10.13
CA TYR B 144 1.28 17.61 10.40
C TYR B 144 0.61 18.91 9.97
N PHE B 145 0.67 19.94 10.81
CA PHE B 145 -0.06 21.20 10.52
C PHE B 145 0.89 22.36 10.27
N VAL B 146 0.65 23.10 9.19
CA VAL B 146 1.46 24.32 8.91
C VAL B 146 0.52 25.53 8.95
N ASN B 147 0.85 26.56 9.73
CA ASN B 147 0.02 27.79 9.69
C ASN B 147 0.28 28.44 8.33
N LYS B 148 -0.77 28.95 7.69
CA LYS B 148 -0.58 29.47 6.31
C LYS B 148 -1.19 30.86 6.22
N THR B 149 -0.68 31.67 5.29
CA THR B 149 -1.18 33.04 5.10
C THR B 149 -1.94 33.13 3.77
N ALA B 150 -3.22 33.48 3.82
CA ALA B 150 -4.04 33.65 2.60
C ALA B 150 -3.30 34.57 1.62
N PRO B 151 -3.43 34.35 0.30
CA PRO B 151 -2.66 35.12 -0.69
C PRO B 151 -2.93 36.63 -0.72
N VAL B 152 -4.19 37.04 -0.59
CA VAL B 152 -4.54 38.48 -0.73
C VAL B 152 -4.85 39.09 0.62
N SER B 153 -5.60 38.39 1.48
CA SER B 153 -6.03 38.95 2.79
C SER B 153 -4.95 38.83 3.87
N GLY B 154 -4.09 37.82 3.78
CA GLY B 154 -3.07 37.61 4.82
C GLY B 154 -3.64 36.88 6.03
N VAL B 155 -4.92 36.48 5.96
CA VAL B 155 -5.55 35.74 7.08
C VAL B 155 -4.82 34.40 7.25
N ARG B 156 -4.66 33.99 8.51
CA ARG B 156 -3.87 32.79 8.86
C ARG B 156 -4.82 31.62 9.11
N SER B 157 -4.42 30.45 8.63
CA SER B 157 -5.20 29.20 8.76
C SER B 157 -4.23 28.01 8.78
N LEU B 158 -4.60 26.98 9.52
CA LEU B 158 -3.75 25.77 9.55
C LEU B 158 -4.16 24.82 8.43
N LEU B 159 -3.20 24.17 7.79
CA LEU B 159 -3.50 23.12 6.82
C LEU B 159 -2.85 21.84 7.33
N ASP B 160 -3.53 20.72 7.11
CA ASP B 160 -3.08 19.42 7.60
C ASP B 160 -2.47 18.63 6.46
N TYR B 161 -1.28 18.07 6.70
CA TYR B 161 -0.62 17.16 5.78
C TYR B 161 -0.39 15.82 6.46
N GLU B 162 -0.40 14.75 5.68
CA GLU B 162 -0.14 13.41 6.24
C GLU B 162 1.35 13.11 6.06
N VAL B 163 2.07 12.93 7.16
CA VAL B 163 3.54 12.71 7.08
C VAL B 163 3.86 11.30 7.59
N THR B 164 4.63 10.55 6.82
CA THR B 164 5.08 9.22 7.27
C THR B 164 6.61 9.25 7.35
N LEU B 165 7.19 8.87 8.49
CA LEU B 165 8.66 8.81 8.62
C LEU B 165 9.05 7.35 8.80
N THR B 166 9.98 6.86 7.98
CA THR B 166 10.33 5.42 8.02
C THR B 166 11.85 5.25 8.18
N GLY B 167 12.27 4.44 9.14
CA GLY B 167 13.69 4.12 9.31
C GLY B 167 13.94 2.63 9.17
N ASP B 168 14.91 2.24 8.35
CA ASP B 168 15.17 0.80 8.11
C ASP B 168 16.66 0.50 8.31
N VAL B 169 16.96 -0.56 9.06
CA VAL B 169 18.40 -0.97 9.25
C VAL B 169 18.56 -2.40 8.71
N ARG B 170 19.15 -2.55 7.53
CA ARG B 170 19.29 -3.90 6.91
C ARG B 170 20.61 -3.96 6.15
N ASP B 171 21.37 -5.04 6.34
CA ASP B 171 22.71 -5.19 5.72
C ASP B 171 23.66 -4.13 6.31
N GLY B 172 23.52 -3.82 7.60
CA GLY B 172 24.36 -2.83 8.28
C GLY B 172 24.05 -1.41 7.84
N LEU B 173 23.10 -1.25 6.91
CA LEU B 173 22.88 0.07 6.26
C LEU B 173 21.65 0.74 6.88
N THR B 174 21.81 1.98 7.33
CA THR B 174 20.67 2.72 7.88
C THR B 174 20.13 3.63 6.79
N ARG B 175 18.83 3.49 6.52
CA ARG B 175 18.15 4.28 5.50
C ARG B 175 16.99 5.00 6.16
N VAL B 176 16.83 6.28 5.85
CA VAL B 176 15.70 7.07 6.43
C VAL B 176 14.84 7.61 5.28
N PHE B 177 13.52 7.48 5.39
CA PHE B 177 12.59 7.95 4.34
C PHE B 177 11.57 8.92 4.93
N ALA B 178 11.34 10.05 4.25
CA ALA B 178 10.25 10.95 4.69
C ALA B 178 9.20 11.00 3.57
N LYS B 179 7.95 10.72 3.92
CA LYS B 179 6.85 10.74 2.91
C LYS B 179 5.79 11.75 3.35
N VAL B 180 5.39 12.63 2.45
CA VAL B 180 4.34 13.64 2.78
C VAL B 180 3.21 13.58 1.76
N LEU B 181 1.96 13.60 2.23
CA LEU B 181 0.85 13.71 1.27
C LEU B 181 0.43 15.17 1.33
N VAL B 182 0.47 15.85 0.19
CA VAL B 182 0.12 17.30 0.17
C VAL B 182 -1.17 17.44 -0.62
N PRO B 183 -2.22 18.06 -0.05
CA PRO B 183 -3.45 18.30 -0.78
C PRO B 183 -3.33 19.62 -1.56
N VAL B 184 -3.66 19.60 -2.84
CA VAL B 184 -3.53 20.82 -3.69
C VAL B 184 -4.73 20.90 -4.64
N THR B 185 -4.73 21.89 -5.54
CA THR B 185 -5.84 22.03 -6.52
C THR B 185 -5.30 21.82 -7.93
N SER B 186 -6.00 21.06 -8.76
CA SER B 186 -5.60 20.87 -10.18
CA SER B 186 -5.60 20.87 -10.18
C SER B 186 -6.70 21.28 -11.20
N LEU B 187 -6.26 22.00 -12.22
CA LEU B 187 -7.25 22.43 -13.26
C LEU B 187 -6.90 21.74 -14.58
N CSD B 188 -7.91 21.31 -15.32
CA CSD B 188 -7.68 20.52 -16.56
CB CSD B 188 -8.88 19.63 -16.85
SG CSD B 188 -8.54 18.29 -17.98
C CSD B 188 -7.40 21.44 -17.76
O CSD B 188 -8.28 22.24 -18.11
OD1 CSD B 188 -8.04 18.93 -19.22
OD2 CSD B 188 -7.35 17.44 -17.37
N PRO B 189 -6.23 21.32 -18.41
CA PRO B 189 -5.90 22.12 -19.58
C PRO B 189 -6.86 21.90 -20.77
N SNC B 190 -7.28 20.65 -20.99
CA SNC B 190 -8.19 20.33 -22.13
CB SNC B 190 -8.37 18.83 -22.25
SG SNC B 190 -9.49 18.24 -23.53
ND SNC B 190 -8.67 18.38 -24.90
OE SNC B 190 -8.16 19.47 -25.19
C SNC B 190 -9.53 21.04 -21.92
O SNC B 190 -9.96 21.74 -22.83
N SER B 191 -10.15 20.86 -20.76
CA SER B 191 -11.44 21.50 -20.43
C SER B 191 -11.36 22.99 -20.70
N LYS B 192 -10.29 23.63 -20.24
CA LYS B 192 -10.19 25.10 -20.41
C LYS B 192 -10.09 25.46 -21.89
N LYS B 193 -9.26 24.71 -22.64
CA LYS B 193 -9.06 25.00 -24.09
C LYS B 193 -10.32 24.78 -24.93
N ILE B 194 -11.08 23.71 -24.66
CA ILE B 194 -12.23 23.34 -25.54
C ILE B 194 -13.53 24.00 -25.12
N SER B 195 -13.53 24.73 -24.01
CA SER B 195 -14.81 25.25 -23.47
C SER B 195 -14.91 26.77 -23.64
N GLN B 196 -16.08 27.25 -24.05
CA GLN B 196 -16.31 28.70 -24.25
C GLN B 196 -16.11 29.38 -22.89
N TYR B 197 -16.56 28.74 -21.82
CA TYR B 197 -16.31 29.28 -20.46
C TYR B 197 -16.09 28.15 -19.47
N GLY B 198 -15.41 28.43 -18.37
CA GLY B 198 -15.22 27.45 -17.33
C GLY B 198 -14.02 26.54 -17.59
N ALA B 199 -13.63 25.83 -16.55
CA ALA B 199 -12.67 24.74 -16.67
C ALA B 199 -12.80 23.83 -15.46
N HIS B 200 -12.81 22.52 -15.71
CA HIS B 200 -13.04 21.58 -14.59
C HIS B 200 -11.79 21.52 -13.70
N ASN B 201 -12.01 21.58 -12.39
CA ASN B 201 -10.88 21.54 -11.42
C ASN B 201 -11.24 20.58 -10.29
N GLN B 202 -10.22 20.01 -9.65
CA GLN B 202 -10.48 19.00 -8.62
C GLN B 202 -9.41 19.06 -7.53
N ARG B 203 -9.75 18.58 -6.33
CA ARG B 203 -8.70 18.44 -5.29
C ARG B 203 -7.75 17.35 -5.77
N SER B 204 -6.46 17.51 -5.50
CA SER B 204 -5.46 16.51 -5.92
C SER B 204 -4.55 16.18 -4.73
N HIS B 205 -4.03 14.96 -4.70
CA HIS B 205 -3.06 14.60 -3.65
C HIS B 205 -1.71 14.35 -4.32
N VAL B 206 -0.67 15.03 -3.85
CA VAL B 206 0.68 14.74 -4.38
C VAL B 206 1.43 14.05 -3.24
N THR B 207 1.95 12.87 -3.50
CA THR B 207 2.64 12.09 -2.45
C THR B 207 4.12 11.99 -2.79
N ILE B 208 4.96 12.63 -1.97
CA ILE B 208 6.42 12.55 -2.18
C ILE B 208 7.01 11.61 -1.13
N ASP B 209 7.49 10.45 -1.56
CA ASP B 209 8.17 9.55 -0.59
C ASP B 209 9.66 9.60 -0.95
N ALA B 210 10.49 10.08 -0.02
CA ALA B 210 11.91 10.29 -0.39
C ALA B 210 12.91 9.64 0.56
N GLU B 211 13.89 8.91 0.02
CA GLU B 211 15.00 8.42 0.87
C GLU B 211 15.90 9.64 1.06
N LEU B 212 16.34 9.93 2.27
CA LEU B 212 17.09 11.20 2.45
C LEU B 212 18.58 10.95 2.73
N ALA B 213 19.48 11.46 1.88
CA ALA B 213 20.92 11.41 2.16
C ALA B 213 21.20 12.28 3.38
N ALA B 214 20.52 13.43 3.47
CA ALA B 214 20.72 14.36 4.59
C ALA B 214 19.36 14.83 5.09
N ASP B 215 19.34 15.55 6.22
CA ASP B 215 18.08 16.05 6.82
C ASP B 215 17.39 16.98 5.82
N VAL B 216 16.14 16.67 5.49
CA VAL B 216 15.24 17.62 4.79
C VAL B 216 14.05 17.92 5.70
N PRO B 217 13.68 19.21 5.89
CA PRO B 217 12.43 19.55 6.53
C PRO B 217 11.27 19.14 5.63
N VAL B 218 10.18 18.65 6.22
CA VAL B 218 8.97 18.23 5.44
C VAL B 218 8.42 19.45 4.72
N GLU B 219 8.53 20.62 5.34
CA GLU B 219 8.04 21.88 4.73
C GLU B 219 8.71 22.08 3.37
N ASP B 220 9.96 21.64 3.23
CA ASP B 220 10.67 21.74 1.92
C ASP B 220 9.95 20.88 0.88
N LEU B 221 9.51 19.70 1.29
CA LEU B 221 8.80 18.80 0.34
C LEU B 221 7.41 19.37 0.07
N ILE B 222 6.76 19.88 1.11
CA ILE B 222 5.39 20.44 0.91
C ILE B 222 5.48 21.62 -0.05
N ARG B 223 6.53 22.45 0.09
CA ARG B 223 6.63 23.67 -0.75
C ARG B 223 6.72 23.28 -2.23
N ILE B 224 7.49 22.24 -2.55
CA ILE B 224 7.63 21.94 -4.00
C ILE B 224 6.26 21.58 -4.58
N ALA B 225 5.51 20.76 -3.85
CA ALA B 225 4.20 20.34 -4.39
C ALA B 225 3.26 21.54 -4.53
N GLU B 226 3.25 22.39 -3.51
CA GLU B 226 2.32 23.54 -3.50
C GLU B 226 2.67 24.51 -4.65
N GLU B 227 3.96 24.79 -4.85
CA GLU B 227 4.39 25.69 -5.96
C GLU B 227 4.06 25.08 -7.32
N GLU B 228 4.23 23.78 -7.48
CA GLU B 228 4.03 23.16 -8.82
C GLU B 228 2.53 22.93 -9.08
N ALA B 229 1.70 22.99 -8.06
CA ALA B 229 0.26 22.73 -8.23
C ALA B 229 -0.41 23.89 -8.98
N SER B 230 -1.50 23.61 -9.70
CA SER B 230 -2.27 24.69 -10.37
C SER B 230 -2.53 25.76 -9.31
N CYS B 231 -2.90 25.32 -8.10
CA CYS B 231 -3.04 26.27 -6.97
C CYS B 231 -2.98 25.48 -5.66
N GLU B 232 -2.40 26.07 -4.63
CA GLU B 232 -2.28 25.39 -3.31
C GLU B 232 -3.59 25.55 -2.55
N LEU B 233 -3.67 24.98 -1.35
CA LEU B 233 -4.94 24.98 -0.59
C LEU B 233 -4.79 25.76 0.72
N TRP B 234 -5.79 26.57 1.05
CA TRP B 234 -5.80 27.27 2.37
C TRP B 234 -7.07 26.87 3.12
N GLY B 235 -6.97 26.68 4.43
CA GLY B 235 -8.17 26.35 5.23
C GLY B 235 -9.12 27.53 5.27
N LEU B 236 -8.59 28.74 5.43
CA LEU B 236 -9.46 29.95 5.52
C LEU B 236 -9.19 30.87 4.33
N LEU B 237 -10.24 31.24 3.62
CA LEU B 237 -10.10 32.13 2.43
C LEU B 237 -11.21 33.18 2.47
N LYS B 238 -10.85 34.45 2.41
CA LYS B 238 -11.86 35.52 2.35
C LYS B 238 -12.24 35.65 0.86
N ARG B 239 -13.27 36.44 0.55
CA ARG B 239 -13.74 36.60 -0.85
C ARG B 239 -12.58 36.96 -1.79
N PRO B 240 -11.71 37.94 -1.46
CA PRO B 240 -10.63 38.35 -2.37
C PRO B 240 -9.70 37.14 -2.60
N ASP B 241 -9.44 36.36 -1.56
CA ASP B 241 -8.60 35.13 -1.69
C ASP B 241 -9.28 34.12 -2.63
N GLU B 242 -10.60 33.94 -2.52
CA GLU B 242 -11.32 32.99 -3.42
C GLU B 242 -11.18 33.47 -4.86
N LYS B 243 -11.29 34.78 -5.08
CA LYS B 243 -11.08 35.33 -6.44
C LYS B 243 -9.65 35.00 -6.87
N PHE B 244 -8.70 35.19 -5.96
CA PHE B 244 -7.30 34.95 -6.32
C PHE B 244 -7.06 33.49 -6.68
N VAL B 245 -7.55 32.54 -5.86
CA VAL B 245 -7.23 31.15 -6.16
C VAL B 245 -8.04 30.63 -7.35
N THR B 246 -9.24 31.15 -7.56
CA THR B 246 -10.02 30.78 -8.75
C THR B 246 -9.26 31.16 -10.01
N GLU B 247 -8.67 32.36 -9.99
CA GLU B 247 -8.01 32.85 -11.19
C GLU B 247 -6.65 32.19 -11.37
N ARG B 248 -5.91 32.00 -10.28
CA ARG B 248 -4.54 31.42 -10.43
C ARG B 248 -4.64 30.00 -11.00
N ALA B 249 -5.58 29.21 -10.49
CA ALA B 249 -5.76 27.82 -10.96
C ALA B 249 -6.07 27.81 -12.46
N TYR B 250 -6.98 28.68 -12.89
CA TYR B 250 -7.37 28.73 -14.32
C TYR B 250 -6.16 29.12 -15.17
N GLU B 251 -5.35 30.06 -14.67
CA GLU B 251 -4.17 30.53 -15.43
C GLU B 251 -3.09 29.46 -15.42
N ASN B 252 -3.18 28.48 -14.52
CA ASN B 252 -2.09 27.49 -14.42
C ASN B 252 -2.68 26.08 -14.48
N PRO B 253 -3.22 25.64 -15.63
CA PRO B 253 -3.79 24.31 -15.75
C PRO B 253 -2.68 23.26 -15.82
N LYS B 254 -2.90 22.10 -15.19
CA LYS B 254 -1.87 21.05 -15.28
C LYS B 254 -2.49 19.65 -15.28
N PHE B 255 -2.16 18.84 -16.27
CA PHE B 255 -2.60 17.42 -16.23
C PHE B 255 -1.80 16.76 -15.10
N VAL B 256 -2.15 15.54 -14.74
CA VAL B 256 -1.37 14.80 -13.69
CA VAL B 256 -1.38 14.78 -13.70
C VAL B 256 0.09 14.58 -14.19
N GLU B 257 0.19 14.29 -15.48
CA GLU B 257 1.55 14.10 -16.08
C GLU B 257 2.37 15.38 -15.90
N ASP B 258 1.75 16.53 -16.17
CA ASP B 258 2.48 17.83 -16.06
C ASP B 258 2.93 18.02 -14.61
N LEU B 259 2.01 17.80 -13.66
CA LEU B 259 2.34 18.03 -12.22
C LEU B 259 3.45 17.09 -11.75
N VAL B 260 3.42 15.81 -12.14
CA VAL B 260 4.42 14.85 -11.60
C VAL B 260 5.79 15.24 -12.17
N ARG B 261 5.83 15.55 -13.47
CA ARG B 261 7.09 15.97 -14.09
C ARG B 261 7.62 17.27 -13.47
N ASP B 262 6.75 18.22 -13.17
CA ASP B 262 7.25 19.50 -12.62
C ASP B 262 7.84 19.24 -11.22
N VAL B 263 7.13 18.49 -10.38
CA VAL B 263 7.63 18.15 -9.01
C VAL B 263 8.89 17.29 -9.10
N ALA B 264 8.93 16.35 -10.04
CA ALA B 264 10.07 15.43 -10.13
C ALA B 264 11.34 16.21 -10.44
N ARG B 265 11.24 17.21 -11.31
CA ARG B 265 12.44 17.99 -11.72
C ARG B 265 13.01 18.68 -10.48
N ARG B 266 12.15 19.23 -9.63
CA ARG B 266 12.62 19.88 -8.39
C ARG B 266 13.30 18.85 -7.47
N LEU B 267 12.72 17.65 -7.35
CA LEU B 267 13.29 16.58 -6.49
C LEU B 267 14.66 16.18 -7.05
N ASP B 268 14.76 16.12 -8.37
CA ASP B 268 15.98 15.65 -9.05
C ASP B 268 17.13 16.61 -8.74
N ALA B 269 16.79 17.87 -8.45
CA ALA B 269 17.80 18.94 -8.24
C ALA B 269 18.27 18.94 -6.79
N ASP B 270 17.43 18.48 -5.86
CA ASP B 270 17.82 18.46 -4.43
C ASP B 270 18.76 17.28 -4.16
N GLU B 271 20.04 17.57 -3.95
CA GLU B 271 21.02 16.49 -3.64
C GLU B 271 20.59 15.73 -2.38
N ARG B 272 20.02 16.44 -1.40
CA ARG B 272 19.65 15.82 -0.11
C ARG B 272 18.74 14.61 -0.30
N ILE B 273 18.19 14.45 -1.51
CA ILE B 273 17.30 13.30 -1.79
C ILE B 273 18.05 12.35 -2.71
N VAL B 274 18.15 11.08 -2.31
CA VAL B 274 18.91 10.08 -3.12
C VAL B 274 17.91 9.32 -3.99
N ALA B 275 16.68 9.18 -3.52
CA ALA B 275 15.70 8.36 -4.27
C ALA B 275 14.29 8.72 -3.82
N TYR B 276 13.35 8.74 -4.76
CA TYR B 276 11.97 9.12 -4.39
C TYR B 276 10.92 8.35 -5.19
N VAL B 277 9.74 8.20 -4.60
CA VAL B 277 8.59 7.68 -5.38
C VAL B 277 7.62 8.84 -5.34
N LEU B 278 7.22 9.33 -6.51
CA LEU B 278 6.32 10.52 -6.59
C LEU B 278 4.99 10.10 -7.19
N GLU B 279 3.90 10.38 -6.47
CA GLU B 279 2.55 10.05 -6.98
C GLU B 279 1.66 11.29 -6.99
N ALA B 280 0.90 11.49 -8.07
CA ALA B 280 -0.10 12.58 -8.07
C ALA B 280 -1.46 11.95 -8.41
N GLU B 281 -2.47 12.21 -7.58
CA GLU B 281 -3.81 11.69 -7.89
C GLU B 281 -4.76 12.88 -8.01
N ASN B 282 -5.47 12.96 -9.11
CA ASN B 282 -6.48 14.02 -9.32
C ASN B 282 -7.86 13.39 -9.13
N PHE B 283 -8.62 13.88 -8.15
CA PHE B 283 -9.95 13.30 -7.92
C PHE B 283 -10.86 14.05 -8.87
N GLU B 284 -11.08 13.46 -10.03
CA GLU B 284 -11.83 14.15 -11.12
C GLU B 284 -13.20 14.62 -10.63
N SER B 285 -13.47 15.89 -10.87
CA SER B 285 -14.83 16.40 -10.59
CA SER B 285 -14.83 16.47 -10.65
C SER B 285 -15.92 15.93 -11.58
N ILE B 286 -15.52 15.70 -12.83
CA ILE B 286 -16.50 15.26 -13.88
C ILE B 286 -16.61 13.73 -13.98
N HIS B 287 -15.84 13.00 -13.18
CA HIS B 287 -15.93 11.52 -13.16
C HIS B 287 -16.02 11.00 -11.73
N ASN B 288 -16.33 9.71 -11.56
CA ASN B 288 -16.39 9.07 -10.22
C ASN B 288 -15.08 8.31 -9.99
N HIS B 289 -14.05 8.58 -10.79
CA HIS B 289 -12.73 7.92 -10.57
C HIS B 289 -11.61 8.96 -10.57
N SER B 290 -10.36 8.51 -10.49
CA SER B 290 -9.23 9.46 -10.39
C SER B 290 -8.25 9.32 -11.56
N ALA B 291 -7.46 10.37 -11.80
CA ALA B 291 -6.40 10.29 -12.81
C ALA B 291 -5.11 10.15 -12.00
N TYR B 292 -4.28 9.16 -12.30
CA TYR B 292 -3.09 8.86 -11.46
C TYR B 292 -1.79 8.87 -12.27
N ALA B 293 -0.75 9.55 -11.77
CA ALA B 293 0.60 9.50 -12.40
C ALA B 293 1.63 9.11 -11.34
N LEU B 294 2.53 8.19 -11.66
CA LEU B 294 3.62 7.80 -10.72
C LEU B 294 5.00 7.91 -11.37
N ILE B 295 5.96 8.50 -10.65
CA ILE B 295 7.36 8.58 -11.15
C ILE B 295 8.27 8.03 -10.03
N GLU B 296 9.11 7.05 -10.35
CA GLU B 296 10.06 6.52 -9.34
C GLU B 296 11.48 6.85 -9.81
N ARG B 297 12.28 7.45 -8.93
CA ARG B 297 13.68 7.81 -9.28
C ARG B 297 14.66 7.26 -8.24
N ASP B 298 15.77 6.66 -8.68
CA ASP B 298 16.85 6.26 -7.75
C ASP B 298 18.13 6.87 -8.31
N LYS B 299 18.62 7.94 -7.69
CA LYS B 299 19.78 8.63 -8.26
C LYS B 299 21.02 7.76 -8.23
N ARG B 300 21.16 6.91 -7.21
CA ARG B 300 22.24 5.93 -7.21
C ARG B 300 22.29 5.18 -8.54
N ARG B 301 21.14 4.70 -9.00
CA ARG B 301 21.06 3.96 -10.25
C ARG B 301 21.15 4.89 -11.44
NA NA C . -0.49 -14.31 23.16
S SO3 D . 5.15 -13.49 19.08
O1 SO3 D . 6.56 -13.85 18.92
O2 SO3 D . 4.68 -13.67 20.46
O3 SO3 D . 4.24 -13.91 18.01
O1 PG4 E . 9.18 -9.92 -3.94
C1 PG4 E . 8.74 -11.20 -4.36
C2 PG4 E . 7.76 -11.11 -5.47
O2 PG4 E . 6.56 -10.49 -5.03
C3 PG4 E . 5.50 -10.59 -5.97
C4 PG4 E . 4.23 -10.10 -5.34
O3 PG4 E . 4.26 -8.68 -5.27
C5 PG4 E . 3.91 -8.06 -6.50
C6 PG4 E . 3.83 -6.58 -6.32
O4 PG4 E . 3.31 -5.98 -7.50
C7 PG4 E . 4.18 -6.14 -8.62
C8 PG4 E . 3.62 -5.41 -9.80
O5 PG4 E . 4.48 -5.49 -10.92
C1 EDO F . -7.48 12.49 -22.97
O1 EDO F . -6.64 12.01 -21.94
C2 EDO F . -8.78 11.79 -23.09
O2 EDO F . -8.69 10.49 -23.64
C1 EDO G . -13.92 -4.81 -1.85
O1 EDO G . -14.24 -6.06 -1.28
C2 EDO G . -15.10 -3.92 -1.94
O2 EDO G . -16.15 -4.50 -2.67
S SO3 H . -0.25 -6.80 -6.07
O1 SO3 H . -0.56 -5.82 -7.16
O2 SO3 H . 0.34 -7.96 -6.79
O3 SO3 H . 0.91 -6.18 -5.35
C1 EDO I . -8.67 9.98 -27.16
O1 EDO I . -8.81 9.10 -26.07
C2 EDO I . -9.07 9.35 -28.44
O2 EDO I . -10.28 8.64 -28.34
C1 EDO J . -9.18 -16.62 -11.07
O1 EDO J . -9.31 -15.29 -10.59
C2 EDO J . -8.96 -16.59 -12.57
O2 EDO J . -7.88 -15.69 -12.83
NA NA K . -10.57 17.32 -18.00
S SO3 L . -4.54 13.71 -19.25
O1 SO3 L . -5.94 13.42 -19.53
O2 SO3 L . -4.18 13.59 -17.83
O3 SO3 L . -3.65 12.97 -20.17
C1 PGE M . -9.42 11.53 -0.53
O1 PGE M . -10.35 11.58 0.53
C2 PGE M . -9.36 12.83 -1.28
O2 PGE M . -10.63 13.13 -1.83
C3 PGE M . -10.64 14.36 -2.54
C4 PGE M . -12.02 14.64 -2.99
O4 PGE M . -14.36 11.75 -2.34
C6 PGE M . -14.55 13.13 -2.63
C5 PGE M . -13.91 13.53 -3.92
O3 PGE M . -12.48 13.54 -3.76
C1 EDO N . -12.18 41.47 -4.32
O1 EDO N . -10.87 41.39 -4.84
C2 EDO N . -12.92 40.19 -4.39
O2 EDO N . -14.27 40.33 -3.97
C1 EDO O . 19.11 -14.67 8.90
O1 EDO O . 18.88 -14.23 7.56
C2 EDO O . 18.86 -16.18 8.88
O2 EDO O . 19.27 -16.69 10.13
S SO3 P . -3.58 10.30 10.71
O1 SO3 P . -4.81 9.92 11.46
O2 SO3 P . -3.54 9.34 9.56
O3 SO3 P . -3.92 11.61 10.09
S SO3 Q . 7.46 5.28 3.00
O1 SO3 Q . 8.93 5.44 3.12
O2 SO3 Q . 7.28 4.14 2.05
O3 SO3 Q . 7.03 4.71 4.32
C1 EDO R . -4.59 14.74 5.08
O1 EDO R . -3.66 15.53 4.34
C2 EDO R . -5.71 14.45 4.09
O2 EDO R . -5.99 15.72 3.50
O1 PG4 S . 13.18 -0.28 1.55
C1 PG4 S . 12.21 -0.21 2.57
C2 PG4 S . 11.68 1.17 2.78
O2 PG4 S . 11.04 1.65 1.60
C3 PG4 S . 10.41 2.90 1.80
C4 PG4 S . 9.83 3.39 0.51
O3 PG4 S . 10.82 4.12 -0.22
C5 PG4 S . 10.26 4.82 -1.33
C6 PG4 S . 11.35 5.49 -2.09
O4 PG4 S . 12.22 4.50 -2.61
C7 PG4 S . 13.21 5.04 -3.47
C8 PG4 S . 12.70 5.10 -4.87
O5 PG4 S . 12.55 3.82 -5.44
#